data_3H3R
#
_entry.id   3H3R
#
_cell.length_a   42.417
_cell.length_b   74.717
_cell.length_c   77.713
_cell.angle_alpha   90.000
_cell.angle_beta   102.860
_cell.angle_gamma   90.000
#
_symmetry.space_group_name_H-M   'P 1 21 1'
#
loop_
_entity.id
_entity.type
_entity.pdbx_description
1 polymer 'Goodpasture antigen binding protein'
2 non-polymer N-[(1R,3R)-3-hydroxy-1-(hydroxymethyl)-3-phenylpropyl]tetradecanamide
3 water water
#
_entity_poly.entity_id   1
_entity_poly.type   'polypeptide(L)'
_entity_poly.pdbx_seq_one_letter_code
;SNSLHWPTSLPSGDAFSSVGTHRFVQKVEEMVQNHMTYSLQDVGGDANWQLVVEEGEMKVYRREVEENGIVLDPLKATHA
VKGVTGHEVCNYFWNVDVRNDWETTIENFHVVETLADNAIIIYQTHKRVWPASQRDVLYLSVIRKIPALTENDPETWIVC
NFSVDHDSAPLNNRCVRAKINVAMICQTLVSPPEGNQEISRDNILCKITYVANVNPGGWAPASVLRAVAKREYPKFLKRF
TSYVQEKTAGKPILF
;
_entity_poly.pdbx_strand_id   A,B
#
# COMPACT_ATOMS: atom_id res chain seq x y z
N GLY A 20 -29.46 6.85 -7.21
CA GLY A 20 -28.62 6.64 -5.99
C GLY A 20 -28.99 7.54 -4.83
N THR A 21 -28.70 7.08 -3.61
CA THR A 21 -28.85 7.90 -2.41
C THR A 21 -27.66 8.85 -2.12
N HIS A 22 -26.43 8.38 -2.34
CA HIS A 22 -25.25 9.05 -1.78
C HIS A 22 -25.03 10.46 -2.32
N ARG A 23 -24.16 11.21 -1.64
CA ARG A 23 -24.00 12.64 -1.88
C ARG A 23 -23.28 12.89 -3.18
N PHE A 24 -22.67 11.84 -3.75
CA PHE A 24 -21.92 12.03 -4.99
C PHE A 24 -22.68 11.67 -6.26
N VAL A 25 -23.99 11.39 -6.14
CA VAL A 25 -24.74 10.92 -7.32
C VAL A 25 -24.76 11.94 -8.44
N GLN A 26 -24.96 13.22 -8.14
CA GLN A 26 -24.99 14.23 -9.22
C GLN A 26 -23.65 14.38 -9.95
N LYS A 27 -22.57 14.39 -9.18
CA LYS A 27 -21.24 14.48 -9.77
C LYS A 27 -20.99 13.23 -10.64
N VAL A 28 -21.30 12.06 -10.09
CA VAL A 28 -21.21 10.83 -10.89
C VAL A 28 -21.86 10.93 -12.25
N GLU A 29 -23.11 11.39 -12.30
CA GLU A 29 -23.85 11.42 -13.56
C GLU A 29 -23.23 12.38 -14.55
N GLU A 30 -22.73 13.49 -14.05
CA GLU A 30 -22.11 14.50 -14.90
C GLU A 30 -20.82 13.94 -15.49
N MET A 31 -20.05 13.22 -14.68
CA MET A 31 -18.79 12.62 -15.16
C MET A 31 -19.06 11.53 -16.21
N VAL A 32 -20.04 10.67 -15.94
CA VAL A 32 -20.46 9.63 -16.88
C VAL A 32 -20.96 10.22 -18.19
N GLN A 33 -21.76 11.27 -18.09
CA GLN A 33 -22.28 11.90 -19.29
C GLN A 33 -21.18 12.58 -20.10
N ASN A 34 -20.25 13.27 -19.44
CA ASN A 34 -19.12 13.88 -20.16
C ASN A 34 -18.33 12.82 -20.90
N HIS A 35 -18.03 11.73 -20.22
CA HIS A 35 -17.33 10.63 -20.89
C HIS A 35 -18.12 10.04 -22.04
N MET A 36 -19.42 9.89 -21.85
CA MET A 36 -20.22 9.34 -22.95
C MET A 36 -20.24 10.29 -24.15
N THR A 37 -20.17 11.59 -23.92
CA THR A 37 -20.24 12.51 -25.07
C THR A 37 -18.85 12.88 -25.62
N TYR A 38 -17.90 13.20 -24.76
CA TYR A 38 -16.60 13.66 -25.25
C TYR A 38 -15.55 12.56 -25.38
N SER A 39 -15.62 11.51 -24.55
CA SER A 39 -14.57 10.47 -24.53
C SER A 39 -14.68 9.43 -25.65
N LEU A 40 -15.88 9.20 -26.16
CA LEU A 40 -16.07 8.21 -27.20
C LEU A 40 -15.70 8.75 -28.61
N GLN A 41 -15.66 10.07 -28.74
CA GLN A 41 -15.26 10.73 -29.99
C GLN A 41 -13.99 10.08 -30.58
N ASP A 42 -14.07 9.70 -31.86
CA ASP A 42 -12.97 9.09 -32.63
C ASP A 42 -11.74 10.01 -32.75
N VAL A 43 -10.56 9.49 -32.44
CA VAL A 43 -9.38 10.33 -32.30
C VAL A 43 -8.32 10.00 -33.34
N GLY A 44 -8.66 9.11 -34.26
CA GLY A 44 -7.71 8.67 -35.30
C GLY A 44 -7.36 9.77 -36.30
N GLY A 45 -8.36 10.54 -36.73
CA GLY A 45 -8.10 11.64 -37.66
C GLY A 45 -8.00 13.00 -37.01
N ASP A 46 -7.88 13.02 -35.69
CA ASP A 46 -7.83 14.27 -34.94
C ASP A 46 -6.39 14.71 -34.77
N ALA A 47 -6.01 15.76 -35.49
CA ALA A 47 -4.63 16.19 -35.53
C ALA A 47 -4.14 16.84 -34.22
N ASN A 48 -5.03 17.09 -33.27
CA ASN A 48 -4.58 17.51 -31.94
C ASN A 48 -4.03 16.30 -31.18
N TRP A 49 -4.30 15.10 -31.70
CA TRP A 49 -3.91 13.87 -31.01
C TRP A 49 -2.80 13.19 -31.77
N GLN A 50 -1.94 12.44 -31.09
CA GLN A 50 -0.86 11.72 -31.75
C GLN A 50 -0.89 10.28 -31.34
N LEU A 51 -0.88 9.39 -32.32
CA LEU A 51 -0.82 7.96 -32.07
C LEU A 51 0.58 7.62 -31.64
N VAL A 52 0.78 7.29 -30.37
CA VAL A 52 2.15 7.06 -29.88
C VAL A 52 2.51 5.58 -29.60
N VAL A 53 1.50 4.72 -29.48
CA VAL A 53 1.73 3.30 -29.26
C VAL A 53 0.69 2.48 -30.02
N GLU A 54 1.20 1.53 -30.81
CA GLU A 54 0.34 0.54 -31.47
C GLU A 54 0.92 -0.83 -31.21
N GLU A 55 0.03 -1.78 -30.91
CA GLU A 55 0.41 -3.18 -30.77
C GLU A 55 -0.86 -4.00 -30.86
N GLY A 56 -1.06 -4.64 -32.01
CA GLY A 56 -2.23 -5.49 -32.18
C GLY A 56 -3.45 -4.62 -32.32
N GLU A 57 -4.44 -4.91 -31.49
CA GLU A 57 -5.67 -4.18 -31.53
C GLU A 57 -5.55 -2.92 -30.65
N MET A 58 -4.43 -2.76 -29.96
CA MET A 58 -4.27 -1.66 -29.02
C MET A 58 -3.66 -0.43 -29.64
N LYS A 59 -4.32 0.73 -29.46
CA LYS A 59 -3.70 2.02 -29.84
C LYS A 59 -3.74 3.04 -28.69
N VAL A 60 -2.64 3.73 -28.46
CA VAL A 60 -2.59 4.74 -27.38
C VAL A 60 -2.30 6.08 -28.04
N TYR A 61 -3.13 7.09 -27.76
CA TYR A 61 -3.00 8.42 -28.34
C TYR A 61 -2.80 9.39 -27.18
N ARG A 62 -2.14 10.52 -27.45
CA ARG A 62 -2.03 11.58 -26.44
C ARG A 62 -2.18 12.94 -27.08
N ARG A 63 -2.65 13.88 -26.25
CA ARG A 63 -2.73 15.29 -26.65
C ARG A 63 -1.72 15.99 -25.74
N GLU A 64 -0.81 16.71 -26.33
CA GLU A 64 0.15 17.41 -25.51
C GLU A 64 -0.43 18.69 -24.94
N VAL A 65 -0.60 18.70 -23.62
CA VAL A 65 -1.09 19.87 -22.91
C VAL A 65 -0.27 20.15 -21.64
N GLU A 66 0.00 21.43 -21.41
CA GLU A 66 0.62 21.85 -20.15
C GLU A 66 0.02 23.16 -19.67
N GLU A 67 -0.19 23.27 -18.36
CA GLU A 67 -0.62 24.52 -17.76
C GLU A 67 0.47 24.98 -16.76
N ASN A 68 0.95 26.22 -16.93
CA ASN A 68 2.00 26.73 -16.02
C ASN A 68 3.22 25.81 -15.94
N GLY A 69 3.56 25.21 -17.07
CA GLY A 69 4.69 24.31 -17.10
C GLY A 69 4.42 22.91 -16.57
N ILE A 70 3.19 22.62 -16.18
CA ILE A 70 2.86 21.28 -15.68
C ILE A 70 2.19 20.46 -16.80
N VAL A 71 2.78 19.31 -17.11
CA VAL A 71 2.28 18.45 -18.19
C VAL A 71 0.97 17.77 -17.81
N LEU A 72 -0.05 17.96 -18.63
CA LEU A 72 -1.39 17.45 -18.31
C LEU A 72 -1.89 16.47 -19.38
N ASP A 73 -1.04 16.17 -20.36
CA ASP A 73 -1.44 15.42 -21.55
C ASP A 73 -2.58 14.41 -21.34
N PRO A 74 -3.73 14.72 -21.89
CA PRO A 74 -4.79 13.73 -21.97
C PRO A 74 -4.27 12.50 -22.73
N LEU A 75 -4.63 11.32 -22.21
CA LEU A 75 -4.33 10.03 -22.83
C LEU A 75 -5.65 9.35 -23.23
N LYS A 76 -5.66 8.79 -24.43
CA LYS A 76 -6.78 7.96 -24.83
C LYS A 76 -6.26 6.70 -25.53
N ALA A 77 -6.69 5.53 -25.02
CA ALA A 77 -6.38 4.26 -25.65
C ALA A 77 -7.64 3.61 -26.15
N THR A 78 -7.49 2.87 -27.25
CA THR A 78 -8.55 2.02 -27.77
C THR A 78 -7.95 0.59 -27.86
N HIS A 79 -8.77 -0.43 -27.59
CA HIS A 79 -8.38 -1.83 -27.66
C HIS A 79 -9.62 -2.65 -28.10
N ALA A 80 -9.36 -3.82 -28.66
CA ALA A 80 -10.43 -4.77 -28.92
C ALA A 80 -9.91 -6.11 -28.35
N VAL A 81 -10.66 -6.73 -27.46
CA VAL A 81 -10.16 -7.88 -26.71
C VAL A 81 -11.10 -9.10 -26.98
N LYS A 82 -10.58 -10.20 -27.52
CA LYS A 82 -11.47 -11.32 -27.86
C LYS A 82 -11.88 -12.11 -26.63
N GLY A 83 -13.11 -12.64 -26.62
CA GLY A 83 -13.49 -13.64 -25.56
C GLY A 83 -13.89 -13.08 -24.21
N VAL A 84 -14.06 -11.76 -24.11
CA VAL A 84 -14.51 -11.17 -22.86
C VAL A 84 -15.61 -10.16 -23.15
N THR A 85 -16.49 -9.89 -22.18
CA THR A 85 -17.50 -8.86 -22.38
C THR A 85 -17.12 -7.51 -21.75
N GLY A 86 -17.78 -6.41 -22.18
CA GLY A 86 -17.66 -5.11 -21.48
C GLY A 86 -18.00 -5.17 -20.00
N HIS A 87 -19.05 -5.90 -19.65
CA HIS A 87 -19.42 -6.08 -18.25
C HIS A 87 -18.27 -6.73 -17.45
N GLU A 88 -17.65 -7.77 -17.99
CA GLU A 88 -16.58 -8.45 -17.25
C GLU A 88 -15.35 -7.58 -17.13
N VAL A 89 -14.97 -6.88 -18.20
CA VAL A 89 -13.79 -6.03 -18.15
C VAL A 89 -14.01 -4.91 -17.13
N CYS A 90 -15.21 -4.34 -17.15
CA CYS A 90 -15.51 -3.28 -16.17
C CYS A 90 -15.52 -3.84 -14.76
N ASN A 91 -16.08 -5.02 -14.58
CA ASN A 91 -16.14 -5.62 -13.23
C ASN A 91 -14.72 -5.78 -12.70
N TYR A 92 -13.86 -6.37 -13.51
CA TYR A 92 -12.49 -6.65 -13.07
C TYR A 92 -11.73 -5.33 -12.81
N PHE A 93 -12.00 -4.31 -13.60
CA PHE A 93 -11.30 -3.02 -13.46
C PHE A 93 -11.70 -2.35 -12.17
N TRP A 94 -12.98 -2.45 -11.84
CA TRP A 94 -13.52 -1.81 -10.67
C TRP A 94 -13.26 -2.55 -9.34
N ASN A 95 -13.23 -3.88 -9.38
CA ASN A 95 -13.25 -4.69 -8.15
C ASN A 95 -11.94 -4.64 -7.38
N VAL A 96 -11.92 -4.02 -6.22
CA VAL A 96 -10.65 -3.82 -5.52
C VAL A 96 -10.07 -5.13 -5.02
N ASP A 97 -10.93 -6.15 -4.91
CA ASP A 97 -10.45 -7.46 -4.43
C ASP A 97 -9.45 -8.14 -5.35
N VAL A 98 -9.31 -7.65 -6.60
CA VAL A 98 -8.37 -8.22 -7.53
C VAL A 98 -7.35 -7.19 -8.03
N ARG A 99 -7.33 -6.02 -7.40
CA ARG A 99 -6.51 -4.92 -7.89
C ARG A 99 -5.04 -5.35 -7.97
N ASN A 100 -4.59 -6.05 -6.93
CA ASN A 100 -3.19 -6.45 -6.82
C ASN A 100 -2.81 -7.58 -7.77
N ASP A 101 -3.79 -8.27 -8.33
CA ASP A 101 -3.53 -9.24 -9.37
C ASP A 101 -3.00 -8.61 -10.65
N TRP A 102 -3.32 -7.35 -10.91
CA TRP A 102 -2.92 -6.75 -12.18
C TRP A 102 -2.22 -5.40 -12.11
N GLU A 103 -2.51 -4.61 -11.08
CA GLU A 103 -1.99 -3.25 -10.96
C GLU A 103 -0.53 -3.32 -10.48
N THR A 104 0.37 -2.60 -11.16
CA THR A 104 1.80 -2.63 -10.83
C THR A 104 2.38 -1.28 -10.40
N THR A 105 1.58 -0.22 -10.35
CA THR A 105 2.17 1.11 -10.13
C THR A 105 1.85 1.68 -8.78
N ILE A 106 1.22 0.87 -7.94
CA ILE A 106 0.72 1.29 -6.66
C ILE A 106 1.63 0.74 -5.57
N GLU A 107 1.88 1.57 -4.57
CA GLU A 107 2.59 1.15 -3.38
C GLU A 107 1.57 0.62 -2.34
N ASN A 108 0.55 1.41 -2.04
CA ASN A 108 -0.41 1.07 -1.02
C ASN A 108 -1.76 1.60 -1.50
N PHE A 109 -2.88 1.00 -1.08
CA PHE A 109 -4.19 1.61 -1.28
C PHE A 109 -5.13 1.13 -0.22
N HIS A 110 -6.21 1.85 0.04
CA HIS A 110 -7.31 1.33 0.87
C HIS A 110 -8.62 2.04 0.53
N VAL A 111 -9.74 1.42 0.86
CA VAL A 111 -11.03 2.03 0.64
C VAL A 111 -11.38 2.93 1.83
N VAL A 112 -11.48 4.23 1.56
CA VAL A 112 -11.89 5.26 2.50
C VAL A 112 -13.36 5.17 2.87
N GLU A 113 -14.23 4.87 1.89
CA GLU A 113 -15.67 4.88 2.12
C GLU A 113 -16.39 4.10 1.04
N THR A 114 -17.45 3.40 1.43
CA THR A 114 -18.32 2.72 0.48
C THR A 114 -19.58 3.56 0.39
N LEU A 115 -19.84 4.14 -0.79
CA LEU A 115 -20.99 5.02 -0.99
C LEU A 115 -22.26 4.27 -1.41
N ALA A 116 -22.08 3.18 -2.15
CA ALA A 116 -23.18 2.35 -2.64
C ALA A 116 -22.59 1.05 -3.17
N ASP A 117 -23.44 0.17 -3.69
CA ASP A 117 -22.93 -1.13 -4.14
C ASP A 117 -22.01 -0.99 -5.38
N ASN A 118 -22.15 0.11 -6.09
CA ASN A 118 -21.38 0.30 -7.29
C ASN A 118 -20.44 1.50 -7.17
N ALA A 119 -20.18 1.97 -5.96
CA ALA A 119 -19.42 3.21 -5.81
C ALA A 119 -18.66 3.33 -4.50
N ILE A 120 -17.36 3.61 -4.61
CA ILE A 120 -16.47 3.63 -3.45
C ILE A 120 -15.48 4.77 -3.57
N ILE A 121 -14.90 5.20 -2.45
CA ILE A 121 -13.81 6.17 -2.51
C ILE A 121 -12.49 5.47 -2.14
N ILE A 122 -11.45 5.65 -2.94
CA ILE A 122 -10.20 4.95 -2.70
C ILE A 122 -9.01 5.91 -2.51
N TYR A 123 -8.14 5.58 -1.55
CA TYR A 123 -6.91 6.33 -1.37
C TYR A 123 -5.76 5.42 -1.71
N GLN A 124 -4.84 5.91 -2.52
CA GLN A 124 -3.68 5.07 -2.85
C GLN A 124 -2.43 5.89 -3.10
N THR A 125 -1.28 5.27 -2.87
CA THR A 125 -0.01 5.95 -3.15
C THR A 125 0.70 5.17 -4.22
N HIS A 126 1.37 5.87 -5.11
CA HIS A 126 1.95 5.21 -6.22
C HIS A 126 3.48 5.07 -6.07
N LYS A 127 4.04 4.04 -6.71
CA LYS A 127 5.49 3.91 -6.84
C LYS A 127 6.04 5.13 -7.53
N ARG A 128 7.26 5.49 -7.16
CA ARG A 128 7.91 6.64 -7.75
C ARG A 128 8.28 6.47 -9.20
N VAL A 129 7.29 6.35 -10.06
CA VAL A 129 7.56 6.17 -11.48
C VAL A 129 8.08 7.43 -12.14
N TRP A 130 7.96 8.57 -11.47
CA TRP A 130 8.48 9.83 -11.99
C TRP A 130 9.76 10.26 -11.25
N PRO A 131 10.63 11.05 -11.91
CA PRO A 131 11.78 11.65 -11.22
C PRO A 131 11.33 12.85 -10.40
N ALA A 132 10.61 12.59 -9.31
CA ALA A 132 9.96 13.64 -8.50
C ALA A 132 9.45 13.04 -7.21
N SER A 133 8.83 13.86 -6.36
CA SER A 133 8.25 13.35 -5.10
C SER A 133 7.18 12.30 -5.42
N GLN A 134 6.92 11.43 -4.45
CA GLN A 134 5.91 10.41 -4.59
C GLN A 134 4.54 11.08 -4.64
N ARG A 135 3.65 10.51 -5.46
CA ARG A 135 2.27 10.99 -5.57
C ARG A 135 1.29 10.07 -4.86
N ASP A 136 0.26 10.70 -4.28
CA ASP A 136 -0.93 9.96 -3.88
C ASP A 136 -2.16 10.49 -4.59
N VAL A 137 -3.25 9.76 -4.48
CA VAL A 137 -4.49 10.14 -5.17
C VAL A 137 -5.64 9.62 -4.32
N LEU A 138 -6.76 10.31 -4.39
CA LEU A 138 -7.93 10.04 -3.57
C LEU A 138 -9.08 10.20 -4.54
N TYR A 139 -9.72 9.09 -4.91
CA TYR A 139 -10.69 9.08 -6.00
C TYR A 139 -11.96 8.28 -5.71
N LEU A 140 -13.06 8.76 -6.29
CA LEU A 140 -14.30 8.02 -6.26
C LEU A 140 -14.23 7.10 -7.47
N SER A 141 -14.56 5.84 -7.24
CA SER A 141 -14.57 4.85 -8.32
C SER A 141 -15.96 4.25 -8.41
N VAL A 142 -16.57 4.41 -9.58
CA VAL A 142 -18.00 4.01 -9.79
C VAL A 142 -18.15 3.19 -11.06
N ILE A 143 -18.94 2.12 -10.98
CA ILE A 143 -19.24 1.30 -12.16
C ILE A 143 -20.71 1.45 -12.54
N ARG A 144 -20.97 1.77 -13.81
CA ARG A 144 -22.35 2.01 -14.27
C ARG A 144 -22.61 1.31 -15.59
N LYS A 145 -23.85 0.91 -15.83
CA LYS A 145 -24.25 0.43 -17.16
C LYS A 145 -25.10 1.48 -17.84
N ILE A 146 -24.78 1.77 -19.09
CA ILE A 146 -25.56 2.73 -19.88
C ILE A 146 -26.37 1.89 -20.89
N PRO A 147 -27.70 1.92 -20.76
CA PRO A 147 -28.54 1.08 -21.62
C PRO A 147 -28.39 1.49 -23.07
N ALA A 148 -28.62 0.55 -23.98
CA ALA A 148 -28.54 0.83 -25.40
C ALA A 148 -29.89 1.38 -25.85
N LEU A 149 -29.91 2.24 -26.86
CA LEU A 149 -31.18 2.82 -27.36
C LEU A 149 -31.97 1.78 -28.13
N THR A 150 -31.26 0.85 -28.78
CA THR A 150 -31.92 -0.27 -29.50
C THR A 150 -31.19 -1.56 -29.23
N GLU A 151 -31.83 -2.69 -29.51
CA GLU A 151 -31.17 -3.98 -29.37
C GLU A 151 -30.17 -4.27 -30.47
N ASN A 152 -30.12 -3.40 -31.47
CA ASN A 152 -29.08 -3.42 -32.48
C ASN A 152 -27.75 -2.84 -32.02
N ASP A 153 -27.76 -2.12 -30.90
CA ASP A 153 -26.53 -1.49 -30.38
C ASP A 153 -26.08 -2.20 -29.12
N PRO A 154 -24.78 -2.08 -28.78
CA PRO A 154 -24.24 -2.57 -27.50
C PRO A 154 -24.62 -1.71 -26.27
N GLU A 155 -24.89 -2.35 -25.15
CA GLU A 155 -24.97 -1.64 -23.91
C GLU A 155 -23.54 -1.18 -23.59
N THR A 156 -23.44 -0.11 -22.81
CA THR A 156 -22.11 0.40 -22.49
C THR A 156 -21.88 0.28 -21.03
N TRP A 157 -20.74 -0.27 -20.62
CA TRP A 157 -20.36 -0.32 -19.22
C TRP A 157 -19.18 0.61 -19.06
N ILE A 158 -19.17 1.35 -17.96
CA ILE A 158 -18.11 2.36 -17.74
C ILE A 158 -17.69 2.33 -16.27
N VAL A 159 -16.38 2.44 -16.03
CA VAL A 159 -15.91 2.74 -14.69
C VAL A 159 -15.29 4.13 -14.79
N CYS A 160 -15.72 5.02 -13.91
CA CYS A 160 -15.15 6.35 -13.82
C CYS A 160 -14.38 6.45 -12.51
N ASN A 161 -13.10 6.82 -12.61
CA ASN A 161 -12.28 7.13 -11.43
C ASN A 161 -11.99 8.64 -11.44
N PHE A 162 -12.46 9.36 -10.44
CA PHE A 162 -12.25 10.83 -10.41
C PHE A 162 -12.00 11.34 -8.99
N SER A 163 -11.03 12.25 -8.91
CA SER A 163 -10.62 12.80 -7.64
C SER A 163 -11.78 13.43 -6.90
N VAL A 164 -11.92 13.08 -5.63
CA VAL A 164 -12.76 13.79 -4.70
C VAL A 164 -11.95 14.17 -3.46
N ASP A 165 -12.62 14.86 -2.54
CA ASP A 165 -12.08 15.16 -1.23
C ASP A 165 -12.75 14.30 -0.18
N HIS A 166 -12.02 14.01 0.89
CA HIS A 166 -12.57 13.29 2.03
C HIS A 166 -11.82 13.72 3.29
N ASP A 167 -12.56 13.95 4.37
CA ASP A 167 -12.00 14.34 5.69
C ASP A 167 -11.03 13.29 6.20
N SER A 168 -11.29 12.02 5.89
CA SER A 168 -10.46 10.96 6.44
C SER A 168 -9.15 10.80 5.67
N ALA A 169 -8.99 11.56 4.59
CA ALA A 169 -7.76 11.53 3.80
C ALA A 169 -7.29 12.95 3.39
N PRO A 170 -6.76 13.72 4.37
CA PRO A 170 -6.32 15.09 4.08
C PRO A 170 -4.96 15.12 3.38
N LEU A 171 -4.56 16.28 2.88
CA LEU A 171 -3.24 16.43 2.28
C LEU A 171 -2.13 15.90 3.21
N ASN A 172 -1.06 15.41 2.61
CA ASN A 172 -0.03 14.62 3.28
C ASN A 172 1.28 15.42 3.34
N ASN A 173 2.12 15.12 4.32
CA ASN A 173 3.45 15.72 4.39
C ASN A 173 4.35 15.14 3.30
N ARG A 174 4.26 13.82 3.12
CA ARG A 174 5.21 13.07 2.30
C ARG A 174 4.93 13.10 0.79
N CYS A 175 3.66 13.17 0.40
CA CYS A 175 3.25 13.05 -1.02
C CYS A 175 2.62 14.29 -1.63
N VAL A 176 2.79 14.44 -2.94
CA VAL A 176 2.12 15.45 -3.71
C VAL A 176 0.80 14.82 -4.16
N ARG A 177 -0.30 15.54 -3.96
CA ARG A 177 -1.64 15.00 -4.23
C ARG A 177 -1.91 15.14 -5.73
N ALA A 178 -1.89 14.05 -6.47
CA ALA A 178 -2.26 14.09 -7.88
C ALA A 178 -3.80 14.22 -7.98
N LYS A 179 -4.30 14.67 -9.12
CA LYS A 179 -5.75 14.65 -9.41
C LYS A 179 -5.97 13.91 -10.74
N ILE A 180 -7.05 13.14 -10.82
CA ILE A 180 -7.28 12.33 -12.00
C ILE A 180 -8.72 12.41 -12.46
N ASN A 181 -8.94 12.06 -13.71
CA ASN A 181 -10.27 11.91 -14.30
C ASN A 181 -10.03 10.81 -15.37
N VAL A 182 -10.40 9.59 -15.04
CA VAL A 182 -10.14 8.40 -15.84
C VAL A 182 -11.47 7.70 -16.09
N ALA A 183 -11.57 7.06 -17.25
CA ALA A 183 -12.75 6.26 -17.60
C ALA A 183 -12.31 5.04 -18.43
N MET A 184 -12.78 3.84 -18.06
CA MET A 184 -12.72 2.66 -18.94
C MET A 184 -14.13 2.39 -19.47
N ILE A 185 -14.32 2.52 -20.77
CA ILE A 185 -15.64 2.44 -21.36
C ILE A 185 -15.62 1.23 -22.25
N CYS A 186 -16.58 0.31 -22.07
CA CYS A 186 -16.48 -0.98 -22.77
C CYS A 186 -17.80 -1.37 -23.43
N GLN A 187 -17.74 -1.95 -24.62
CA GLN A 187 -18.98 -2.41 -25.29
C GLN A 187 -18.67 -3.80 -25.84
N THR A 188 -19.62 -4.74 -25.68
CA THR A 188 -19.48 -6.08 -26.23
C THR A 188 -20.09 -6.18 -27.61
N LEU A 189 -19.33 -6.69 -28.57
CA LEU A 189 -19.88 -7.02 -29.89
C LEU A 189 -20.06 -8.52 -29.90
N VAL A 190 -21.12 -9.02 -30.53
CA VAL A 190 -21.28 -10.45 -30.60
C VAL A 190 -21.55 -10.89 -32.03
N SER A 191 -21.12 -12.11 -32.32
CA SER A 191 -21.16 -12.64 -33.66
C SER A 191 -21.61 -14.07 -33.48
N PRO A 192 -22.93 -14.28 -33.39
CA PRO A 192 -23.38 -15.64 -33.08
C PRO A 192 -23.01 -16.62 -34.18
N PRO A 193 -22.72 -17.87 -33.80
CA PRO A 193 -22.25 -18.81 -34.80
C PRO A 193 -23.39 -19.25 -35.71
N GLU A 194 -23.02 -19.86 -36.82
CA GLU A 194 -23.92 -20.01 -37.97
C GLU A 194 -25.12 -20.97 -37.80
N GLY A 195 -25.00 -21.99 -36.94
CA GLY A 195 -26.05 -23.01 -36.93
C GLY A 195 -26.43 -23.69 -35.63
N ASN A 196 -25.95 -24.91 -35.46
CA ASN A 196 -26.26 -25.75 -34.31
C ASN A 196 -25.53 -25.41 -32.97
N GLN A 197 -24.44 -24.64 -33.06
CA GLN A 197 -23.65 -24.29 -31.87
C GLN A 197 -24.22 -23.13 -31.00
N GLU A 198 -24.07 -23.25 -29.69
CA GLU A 198 -24.33 -22.12 -28.80
C GLU A 198 -23.16 -21.13 -28.83
N ILE A 199 -23.47 -19.86 -28.61
CA ILE A 199 -22.49 -18.78 -28.45
C ILE A 199 -21.41 -19.19 -27.47
N SER A 200 -20.16 -19.07 -27.88
CA SER A 200 -19.04 -19.30 -26.94
C SER A 200 -18.19 -18.04 -26.92
N ARG A 201 -17.06 -18.07 -26.24
CA ARG A 201 -16.25 -16.85 -26.12
C ARG A 201 -15.50 -16.55 -27.40
N ASP A 202 -15.56 -17.48 -28.35
CA ASP A 202 -14.94 -17.21 -29.63
C ASP A 202 -15.84 -16.31 -30.44
N ASN A 203 -17.07 -16.11 -29.98
CA ASN A 203 -18.01 -15.27 -30.72
C ASN A 203 -18.23 -13.88 -30.13
N ILE A 204 -17.39 -13.46 -29.18
CA ILE A 204 -17.58 -12.15 -28.57
C ILE A 204 -16.27 -11.39 -28.57
N LEU A 205 -16.38 -10.05 -28.60
CA LEU A 205 -15.18 -9.18 -28.61
C LEU A 205 -15.53 -7.92 -27.84
N CYS A 206 -14.61 -7.45 -27.01
CA CYS A 206 -14.87 -6.25 -26.24
C CYS A 206 -14.13 -5.06 -26.82
N LYS A 207 -14.87 -4.02 -27.19
CA LYS A 207 -14.28 -2.77 -27.61
C LYS A 207 -14.08 -1.87 -26.39
N ILE A 208 -12.82 -1.51 -26.14
CA ILE A 208 -12.44 -0.67 -25.00
C ILE A 208 -11.98 0.72 -25.45
N THR A 209 -12.45 1.73 -24.71
CA THR A 209 -11.88 3.07 -24.77
C THR A 209 -11.49 3.39 -23.33
N TYR A 210 -10.21 3.72 -23.12
CA TYR A 210 -9.72 4.07 -21.82
C TYR A 210 -9.17 5.49 -21.96
N VAL A 211 -9.61 6.41 -21.10
CA VAL A 211 -9.14 7.81 -21.16
C VAL A 211 -8.59 8.15 -19.78
N ALA A 212 -7.44 8.80 -19.76
CA ALA A 212 -6.86 9.17 -18.47
C ALA A 212 -6.44 10.63 -18.58
N ASN A 213 -6.90 11.45 -17.66
CA ASN A 213 -6.43 12.83 -17.56
C ASN A 213 -5.85 12.97 -16.18
N VAL A 214 -4.52 13.10 -16.10
CA VAL A 214 -3.87 13.07 -14.81
C VAL A 214 -3.15 14.41 -14.60
N ASN A 215 -3.42 15.07 -13.47
CA ASN A 215 -2.68 16.26 -13.04
C ASN A 215 -1.63 15.86 -12.03
N PRO A 216 -0.35 15.93 -12.41
CA PRO A 216 0.69 15.40 -11.51
C PRO A 216 0.84 16.22 -10.20
N GLY A 217 0.15 17.36 -10.11
CA GLY A 217 0.11 18.17 -8.88
C GLY A 217 1.37 18.99 -8.62
N GLY A 218 2.27 19.02 -9.61
CA GLY A 218 3.53 19.74 -9.48
C GLY A 218 4.43 19.44 -10.66
N TRP A 219 5.55 20.16 -10.76
CA TRP A 219 6.39 20.12 -11.97
C TRP A 219 7.26 18.88 -11.99
N ALA A 220 7.49 18.37 -13.20
CA ALA A 220 8.50 17.35 -13.43
C ALA A 220 8.90 17.47 -14.89
N PRO A 221 10.09 16.99 -15.26
CA PRO A 221 10.45 17.19 -16.65
C PRO A 221 9.46 16.50 -17.61
N ALA A 222 8.90 17.27 -18.53
CA ALA A 222 7.87 16.77 -19.43
C ALA A 222 8.37 15.59 -20.26
N SER A 223 9.63 15.67 -20.71
CA SER A 223 10.24 14.64 -21.53
C SER A 223 10.18 13.27 -20.85
N VAL A 224 10.46 13.25 -19.56
CA VAL A 224 10.43 12.05 -18.76
C VAL A 224 8.98 11.59 -18.51
N LEU A 225 8.11 12.53 -18.14
CA LEU A 225 6.71 12.18 -17.86
C LEU A 225 6.06 11.52 -19.08
N ARG A 226 6.34 12.05 -20.24
CA ARG A 226 5.79 11.50 -21.45
C ARG A 226 6.36 10.12 -21.78
N ALA A 227 7.61 9.88 -21.41
CA ALA A 227 8.27 8.64 -21.71
C ALA A 227 7.64 7.60 -20.80
N VAL A 228 7.40 7.99 -19.56
CA VAL A 228 6.85 7.09 -18.56
C VAL A 228 5.38 6.71 -18.91
N ALA A 229 4.62 7.67 -19.43
CA ALA A 229 3.23 7.40 -19.83
C ALA A 229 3.22 6.46 -21.05
N LYS A 230 4.12 6.69 -22.00
CA LYS A 230 4.22 5.86 -23.18
C LYS A 230 4.58 4.39 -22.83
N ARG A 231 5.35 4.22 -21.76
CA ARG A 231 5.69 2.90 -21.25
C ARG A 231 4.59 2.23 -20.40
N GLU A 232 4.04 2.96 -19.45
CA GLU A 232 3.22 2.38 -18.40
C GLU A 232 1.76 2.11 -18.78
N TYR A 233 1.17 2.91 -19.66
CA TYR A 233 -0.25 2.71 -20.01
C TYR A 233 -0.40 1.49 -20.92
N PRO A 234 0.47 1.36 -21.95
CA PRO A 234 0.30 0.18 -22.82
C PRO A 234 0.62 -1.10 -22.03
N LYS A 235 1.54 -1.02 -21.08
CA LYS A 235 1.90 -2.13 -20.19
C LYS A 235 0.74 -2.58 -19.31
N PHE A 236 0.10 -1.60 -18.69
CA PHE A 236 -1.11 -1.82 -17.89
C PHE A 236 -2.18 -2.48 -18.76
N LEU A 237 -2.46 -1.88 -19.91
CA LEU A 237 -3.59 -2.32 -20.70
C LEU A 237 -3.43 -3.77 -21.17
N LYS A 238 -2.23 -4.11 -21.58
CA LYS A 238 -1.93 -5.52 -21.98
C LYS A 238 -2.01 -6.53 -20.85
N ARG A 239 -1.45 -6.18 -19.70
CA ARG A 239 -1.51 -7.03 -18.52
C ARG A 239 -2.93 -7.17 -17.95
N PHE A 240 -3.59 -6.04 -17.75
CA PHE A 240 -4.98 -6.05 -17.28
C PHE A 240 -5.92 -6.79 -18.24
N THR A 241 -5.89 -6.51 -19.54
CA THR A 241 -6.80 -7.21 -20.44
C THR A 241 -6.54 -8.72 -20.52
N SER A 242 -5.25 -9.09 -20.45
CA SER A 242 -4.81 -10.48 -20.42
C SER A 242 -5.31 -11.16 -19.18
N TYR A 243 -5.28 -10.43 -18.09
CA TYR A 243 -5.72 -10.97 -16.83
C TYR A 243 -7.23 -11.29 -16.90
N VAL A 244 -8.01 -10.38 -17.48
CA VAL A 244 -9.46 -10.60 -17.66
C VAL A 244 -9.70 -11.84 -18.56
N GLN A 245 -8.90 -11.99 -19.60
CA GLN A 245 -9.05 -13.10 -20.54
C GLN A 245 -8.80 -14.44 -19.83
N GLU A 246 -7.73 -14.47 -19.02
CA GLU A 246 -7.37 -15.62 -18.20
C GLU A 246 -8.39 -15.99 -17.13
N LYS A 247 -8.88 -15.00 -16.40
CA LYS A 247 -9.76 -15.26 -15.30
C LYS A 247 -11.16 -15.66 -15.78
N THR A 248 -11.50 -15.31 -17.01
CA THR A 248 -12.85 -15.60 -17.54
C THR A 248 -12.87 -16.79 -18.48
N ALA A 249 -11.71 -17.34 -18.81
CA ALA A 249 -11.62 -18.38 -19.84
C ALA A 249 -12.43 -19.60 -19.45
N GLY A 250 -13.24 -20.09 -20.38
CA GLY A 250 -14.03 -21.28 -20.10
C GLY A 250 -15.18 -21.06 -19.13
N LYS A 251 -15.43 -19.80 -18.77
CA LYS A 251 -16.57 -19.47 -17.90
C LYS A 251 -17.81 -19.01 -18.70
N PRO A 252 -19.01 -19.18 -18.12
CA PRO A 252 -20.22 -18.68 -18.78
C PRO A 252 -20.15 -17.16 -18.93
N ILE A 253 -20.56 -16.68 -20.10
CA ILE A 253 -20.47 -15.31 -20.47
C ILE A 253 -21.42 -14.39 -19.71
N LEU A 254 -20.84 -13.35 -19.11
CA LEU A 254 -21.61 -12.34 -18.38
C LEU A 254 -21.77 -11.11 -19.25
N PHE A 255 -22.96 -10.94 -19.81
CA PHE A 255 -23.23 -9.81 -20.68
C PHE A 255 -23.51 -8.52 -19.92
N THR B 21 -12.31 1.95 29.17
CA THR B 21 -11.01 1.27 29.24
C THR B 21 -9.91 2.26 29.69
N HIS B 22 -8.67 1.95 29.41
CA HIS B 22 -7.57 2.62 30.17
C HIS B 22 -7.27 4.08 29.73
N ARG B 23 -6.51 4.81 30.54
CA ARG B 23 -6.30 6.22 30.26
C ARG B 23 -5.47 6.53 29.02
N PHE B 24 -4.79 5.53 28.45
CA PHE B 24 -3.98 5.78 27.25
C PHE B 24 -4.62 5.35 25.89
N VAL B 25 -5.91 5.04 25.86
CA VAL B 25 -6.47 4.45 24.64
C VAL B 25 -6.42 5.40 23.48
N GLN B 26 -6.66 6.69 23.72
CA GLN B 26 -6.59 7.66 22.64
C GLN B 26 -5.18 7.81 22.06
N LYS B 27 -4.19 7.83 22.94
CA LYS B 27 -2.82 7.86 22.47
C LYS B 27 -2.49 6.58 21.65
N VAL B 28 -2.86 5.42 22.16
CA VAL B 28 -2.59 4.18 21.46
C VAL B 28 -3.16 4.27 20.06
N GLU B 29 -4.43 4.70 19.94
CA GLU B 29 -5.10 4.68 18.66
C GLU B 29 -4.41 5.62 17.69
N GLU B 30 -4.00 6.77 18.20
CA GLU B 30 -3.35 7.75 17.34
C GLU B 30 -1.96 7.24 16.92
N MET B 31 -1.24 6.56 17.81
CA MET B 31 0.09 6.04 17.44
C MET B 31 -0.04 4.87 16.43
N VAL B 32 -0.96 3.96 16.70
CA VAL B 32 -1.24 2.87 15.78
C VAL B 32 -1.63 3.38 14.43
N GLN B 33 -2.53 4.37 14.39
CA GLN B 33 -3.00 4.85 13.10
C GLN B 33 -1.92 5.60 12.34
N ASN B 34 -1.10 6.38 13.04
CA ASN B 34 0.00 7.04 12.37
C ASN B 34 1.00 6.06 11.84
N HIS B 35 1.21 4.96 12.53
CA HIS B 35 2.15 3.99 11.99
C HIS B 35 1.58 3.31 10.76
N MET B 36 0.29 2.99 10.81
CA MET B 36 -0.34 2.33 9.67
C MET B 36 -0.37 3.27 8.46
N THR B 37 -0.45 4.56 8.71
CA THR B 37 -0.49 5.54 7.63
C THR B 37 0.88 5.87 7.07
N TYR B 38 1.86 6.02 7.95
CA TYR B 38 3.17 6.51 7.52
C TYR B 38 4.29 5.49 7.51
N SER B 39 4.22 4.48 8.38
CA SER B 39 5.39 3.67 8.59
C SER B 39 5.52 2.59 7.51
N LEU B 40 4.50 2.45 6.67
CA LEU B 40 4.53 1.43 5.62
C LEU B 40 4.95 1.97 4.23
N GLN B 41 5.40 3.21 4.19
CA GLN B 41 5.85 3.78 2.94
C GLN B 41 7.24 3.22 2.54
N ASP B 42 7.42 2.93 1.25
CA ASP B 42 8.63 2.28 0.72
C ASP B 42 9.84 3.23 0.70
N VAL B 43 10.74 3.07 1.66
CA VAL B 43 11.87 4.00 1.76
C VAL B 43 13.02 3.68 0.78
N GLY B 44 12.97 2.49 0.17
CA GLY B 44 13.95 2.10 -0.83
C GLY B 44 14.00 3.05 -2.02
N GLY B 45 12.86 3.62 -2.35
CA GLY B 45 12.81 4.63 -3.41
C GLY B 45 12.93 6.06 -2.89
N ASP B 46 13.04 6.23 -1.57
CA ASP B 46 13.06 7.59 -0.99
C ASP B 46 14.48 8.07 -0.73
N ALA B 47 14.90 9.03 -1.54
CA ALA B 47 16.29 9.43 -1.61
C ALA B 47 16.71 10.23 -0.38
N ASN B 48 15.78 10.56 0.49
CA ASN B 48 16.18 11.21 1.77
C ASN B 48 16.58 10.15 2.78
N TRP B 49 16.39 8.88 2.45
CA TRP B 49 16.71 7.82 3.38
C TRP B 49 17.95 7.14 2.84
N GLN B 50 18.74 6.53 3.70
CA GLN B 50 19.97 5.87 3.24
C GLN B 50 19.91 4.42 3.69
N LEU B 51 20.10 3.49 2.75
CA LEU B 51 20.23 2.09 3.15
C LEU B 51 21.60 1.84 3.76
N VAL B 52 21.65 1.60 5.07
CA VAL B 52 22.94 1.54 5.76
C VAL B 52 23.53 0.13 6.06
N VAL B 53 22.65 -0.86 6.17
CA VAL B 53 22.99 -2.25 6.46
C VAL B 53 22.05 -3.15 5.68
N GLU B 54 22.61 -4.16 5.03
CA GLU B 54 21.80 -5.16 4.35
C GLU B 54 22.42 -6.50 4.63
N GLU B 55 21.56 -7.48 4.92
CA GLU B 55 22.04 -8.85 5.06
C GLU B 55 20.90 -9.79 4.82
N GLY B 56 21.03 -10.70 3.88
CA GLY B 56 19.91 -11.58 3.54
C GLY B 56 18.69 -10.77 3.06
N GLU B 57 17.52 -11.12 3.59
CA GLU B 57 16.24 -10.47 3.33
C GLU B 57 16.07 -9.17 4.11
N MET B 58 17.01 -8.88 5.01
CA MET B 58 16.94 -7.69 5.88
C MET B 58 17.65 -6.44 5.30
N LYS B 59 16.94 -5.31 5.26
CA LYS B 59 17.50 -4.01 4.89
C LYS B 59 17.19 -2.96 5.96
N VAL B 60 18.19 -2.15 6.31
CA VAL B 60 18.00 -1.17 7.39
C VAL B 60 18.37 0.20 6.87
N TYR B 61 17.49 1.18 7.08
CA TYR B 61 17.61 2.43 6.42
C TYR B 61 17.56 3.45 7.52
N ARG B 62 18.03 4.65 7.21
CA ARG B 62 17.83 5.71 8.20
C ARG B 62 17.80 6.99 7.48
N ARG B 63 17.30 8.01 8.17
CA ARG B 63 17.22 9.36 7.62
C ARG B 63 17.95 10.20 8.65
N GLU B 64 18.96 10.92 8.21
CA GLU B 64 19.74 11.71 9.15
C GLU B 64 18.94 12.98 9.54
N VAL B 65 18.59 13.07 10.82
CA VAL B 65 17.81 14.19 11.34
C VAL B 65 18.48 14.67 12.61
N GLU B 66 18.70 15.97 12.72
CA GLU B 66 19.11 16.54 14.01
C GLU B 66 18.30 17.79 14.32
N GLU B 67 17.75 17.85 15.52
CA GLU B 67 16.99 19.02 15.96
C GLU B 67 17.59 19.61 17.24
N ASN B 68 17.87 20.91 17.21
CA ASN B 68 18.50 21.60 18.35
C ASN B 68 19.82 20.94 18.76
N GLY B 69 20.61 20.55 17.76
CA GLY B 69 21.91 19.90 17.97
C GLY B 69 21.87 18.39 18.17
N ILE B 70 20.67 17.86 18.38
CA ILE B 70 20.49 16.48 18.84
C ILE B 70 20.17 15.51 17.67
N VAL B 71 20.83 14.36 17.66
CA VAL B 71 20.63 13.38 16.57
C VAL B 71 19.34 12.56 16.78
N LEU B 72 18.43 12.65 15.84
CA LEU B 72 17.16 11.96 16.01
C LEU B 72 16.91 10.86 14.96
N ASP B 73 17.82 10.72 14.01
CA ASP B 73 17.70 9.78 12.87
C ASP B 73 16.61 8.73 13.02
N PRO B 74 15.52 8.92 12.31
CA PRO B 74 14.55 7.83 12.17
C PRO B 74 15.20 6.61 11.53
N LEU B 75 14.82 5.42 12.00
CA LEU B 75 15.30 4.19 11.41
C LEU B 75 14.11 3.34 10.94
N LYS B 76 14.28 2.68 9.81
CA LYS B 76 13.28 1.76 9.32
C LYS B 76 13.99 0.54 8.77
N ALA B 77 13.56 -0.64 9.21
CA ALA B 77 14.08 -1.89 8.66
C ALA B 77 12.95 -2.67 8.05
N THR B 78 13.28 -3.44 7.03
CA THR B 78 12.31 -4.34 6.40
C THR B 78 12.97 -5.74 6.41
N HIS B 79 12.12 -6.78 6.55
CA HIS B 79 12.58 -8.16 6.63
C HIS B 79 11.48 -9.09 6.12
N ALA B 80 11.86 -10.30 5.74
CA ALA B 80 10.94 -11.32 5.24
C ALA B 80 11.42 -12.63 5.88
N VAL B 81 10.61 -13.18 6.77
CA VAL B 81 11.01 -14.33 7.60
C VAL B 81 10.14 -15.56 7.23
N LYS B 82 10.75 -16.61 6.70
CA LYS B 82 9.97 -17.81 6.28
C LYS B 82 9.48 -18.62 7.45
N GLY B 83 8.26 -19.15 7.33
CA GLY B 83 7.84 -20.22 8.24
C GLY B 83 7.19 -19.73 9.51
N VAL B 84 6.90 -18.43 9.58
CA VAL B 84 6.26 -17.84 10.77
C VAL B 84 5.15 -16.89 10.38
N THR B 85 4.19 -16.65 11.28
CA THR B 85 3.13 -15.69 10.98
C THR B 85 3.40 -14.30 11.62
N GLY B 86 2.74 -13.25 11.14
CA GLY B 86 2.85 -11.91 11.79
C GLY B 86 2.30 -11.92 13.22
N HIS B 87 1.27 -12.73 13.41
CA HIS B 87 0.71 -12.95 14.72
C HIS B 87 1.74 -13.54 15.69
N GLU B 88 2.48 -14.54 15.25
CA GLU B 88 3.50 -15.12 16.11
C GLU B 88 4.65 -14.15 16.35
N VAL B 89 5.12 -13.47 15.31
CA VAL B 89 6.25 -12.53 15.48
C VAL B 89 5.87 -11.44 16.46
N CYS B 90 4.68 -10.87 16.30
CA CYS B 90 4.27 -9.82 17.21
C CYS B 90 4.10 -10.34 18.64
N ASN B 91 3.52 -11.53 18.82
CA ASN B 91 3.40 -12.14 20.16
C ASN B 91 4.76 -12.24 20.84
N TYR B 92 5.74 -12.79 20.13
CA TYR B 92 7.03 -13.01 20.77
C TYR B 92 7.71 -11.66 21.04
N PHE B 93 7.48 -10.67 20.19
CA PHE B 93 8.04 -9.33 20.41
C PHE B 93 7.46 -8.68 21.65
N TRP B 94 6.14 -8.80 21.78
CA TRP B 94 5.39 -8.14 22.83
C TRP B 94 5.50 -8.91 24.15
N ASN B 95 5.58 -10.22 24.07
CA ASN B 95 5.45 -11.06 25.29
C ASN B 95 6.65 -10.92 26.25
N VAL B 96 6.46 -10.27 27.40
CA VAL B 96 7.58 -10.05 28.35
C VAL B 96 8.20 -11.34 28.90
N ASP B 97 7.45 -12.44 28.93
CA ASP B 97 7.99 -13.70 29.47
C ASP B 97 9.18 -14.25 28.71
N VAL B 98 9.39 -13.83 27.46
CA VAL B 98 10.52 -14.36 26.67
C VAL B 98 11.54 -13.31 26.25
N ARG B 99 11.34 -12.07 26.70
CA ARG B 99 12.18 -10.96 26.33
C ARG B 99 13.65 -11.35 26.47
N ASN B 100 13.96 -11.96 27.61
CA ASN B 100 15.35 -12.28 27.98
C ASN B 100 15.96 -13.38 27.12
N ASP B 101 15.10 -14.12 26.41
CA ASP B 101 15.63 -15.13 25.52
C ASP B 101 16.23 -14.54 24.29
N TRP B 102 15.82 -13.33 23.93
CA TRP B 102 16.37 -12.76 22.70
C TRP B 102 17.02 -11.39 22.82
N GLU B 103 16.67 -10.62 23.85
CA GLU B 103 17.14 -9.24 23.96
C GLU B 103 18.55 -9.26 24.57
N THR B 104 19.45 -8.52 23.94
CA THR B 104 20.88 -8.50 24.38
C THR B 104 21.30 -7.16 24.98
N THR B 105 20.48 -6.12 24.82
CA THR B 105 20.88 -4.79 25.32
C THR B 105 20.24 -4.44 26.66
N ILE B 106 19.60 -5.39 27.30
CA ILE B 106 18.84 -5.11 28.51
C ILE B 106 19.60 -5.51 29.77
N GLU B 107 19.73 -4.59 30.73
CA GLU B 107 20.26 -4.96 32.03
C GLU B 107 19.18 -5.51 32.94
N ASN B 108 18.09 -4.78 33.12
CA ASN B 108 16.93 -5.26 33.89
C ASN B 108 15.69 -4.64 33.28
N PHE B 109 14.55 -5.27 33.51
CA PHE B 109 13.27 -4.66 33.12
C PHE B 109 12.19 -5.15 34.05
N HIS B 110 11.10 -4.39 34.17
CA HIS B 110 9.91 -4.92 34.80
C HIS B 110 8.67 -4.23 34.28
N VAL B 111 7.55 -4.93 34.38
CA VAL B 111 6.26 -4.33 34.07
C VAL B 111 5.81 -3.42 35.23
N VAL B 112 5.63 -2.14 34.95
CA VAL B 112 5.18 -1.17 35.95
C VAL B 112 3.66 -1.27 36.13
N GLU B 113 2.96 -1.56 35.06
CA GLU B 113 1.51 -1.55 35.13
C GLU B 113 0.98 -2.32 33.96
N THR B 114 -0.11 -3.03 34.24
CA THR B 114 -0.90 -3.70 33.21
C THR B 114 -2.16 -2.89 33.01
N LEU B 115 -2.36 -2.45 31.76
CA LEU B 115 -3.44 -1.57 31.43
C LEU B 115 -4.63 -2.33 30.87
N ALA B 116 -4.32 -3.44 30.16
CA ALA B 116 -5.34 -4.24 29.47
C ALA B 116 -4.69 -5.53 29.07
N ASP B 117 -5.49 -6.49 28.60
CA ASP B 117 -4.97 -7.75 28.12
C ASP B 117 -3.84 -7.55 27.09
N ASN B 118 -3.88 -6.44 26.35
CA ASN B 118 -2.93 -6.22 25.27
C ASN B 118 -2.01 -5.01 25.44
N ALA B 119 -1.94 -4.44 26.64
CA ALA B 119 -1.21 -3.17 26.83
C ALA B 119 -0.61 -3.10 28.21
N ILE B 120 0.70 -2.88 28.28
CA ILE B 120 1.41 -2.82 29.56
C ILE B 120 2.40 -1.66 29.52
N ILE B 121 2.84 -1.20 30.69
CA ILE B 121 3.90 -0.20 30.75
C ILE B 121 5.13 -0.86 31.28
N ILE B 122 6.23 -0.64 30.60
CA ILE B 122 7.47 -1.33 30.97
C ILE B 122 8.55 -0.33 31.29
N TYR B 123 9.30 -0.60 32.34
CA TYR B 123 10.50 0.16 32.63
C TYR B 123 11.69 -0.77 32.44
N GLN B 124 12.70 -0.29 31.74
CA GLN B 124 13.91 -1.07 31.55
C GLN B 124 15.17 -0.23 31.50
N THR B 125 16.26 -0.83 31.94
CA THR B 125 17.56 -0.19 31.85
C THR B 125 18.37 -0.92 30.82
N HIS B 126 19.16 -0.16 30.05
CA HIS B 126 19.97 -0.75 29.02
C HIS B 126 21.43 -0.90 29.41
N LYS B 127 22.05 -1.95 28.88
CA LYS B 127 23.49 -2.09 29.00
C LYS B 127 24.10 -0.90 28.29
N ARG B 128 25.28 -0.44 28.70
CA ARG B 128 25.96 0.59 27.94
C ARG B 128 26.34 0.00 26.60
N VAL B 129 25.83 0.59 25.55
CA VAL B 129 26.22 0.21 24.21
C VAL B 129 27.13 1.26 23.59
N TRP B 130 27.36 2.35 24.31
CA TRP B 130 28.54 3.18 24.01
C TRP B 130 29.12 3.68 25.34
N PRO B 131 30.36 4.20 25.30
CA PRO B 131 30.97 4.59 26.56
C PRO B 131 30.33 5.86 27.13
N ALA B 132 29.31 5.68 27.96
CA ALA B 132 28.61 6.82 28.54
C ALA B 132 27.63 6.33 29.59
N SER B 133 26.84 7.26 30.12
CA SER B 133 25.79 6.92 31.06
C SER B 133 24.86 5.90 30.49
N GLN B 134 24.41 5.01 31.34
CA GLN B 134 23.39 4.06 30.99
C GLN B 134 22.09 4.83 30.71
N ARG B 135 21.28 4.32 29.80
CA ARG B 135 19.97 4.89 29.49
C ARG B 135 18.90 4.01 30.08
N ASP B 136 17.79 4.61 30.49
CA ASP B 136 16.61 3.83 30.81
C ASP B 136 15.43 4.28 29.95
N VAL B 137 14.37 3.51 30.00
CA VAL B 137 13.25 3.83 29.12
C VAL B 137 11.97 3.39 29.79
N LEU B 138 10.89 4.10 29.52
CA LEU B 138 9.64 3.80 30.17
C LEU B 138 8.56 3.97 29.12
N TYR B 139 7.92 2.87 28.76
CA TYR B 139 7.16 2.83 27.51
C TYR B 139 5.94 1.95 27.64
N LEU B 140 4.87 2.41 27.03
CA LEU B 140 3.69 1.62 26.90
C LEU B 140 3.94 0.68 25.73
N SER B 141 3.64 -0.58 25.95
CA SER B 141 3.77 -1.55 24.89
C SER B 141 2.41 -2.23 24.60
N VAL B 142 1.97 -2.14 23.35
CA VAL B 142 0.63 -2.64 23.00
C VAL B 142 0.63 -3.42 21.70
N ILE B 143 -0.19 -4.48 21.69
CA ILE B 143 -0.27 -5.39 20.55
C ILE B 143 -1.68 -5.28 19.96
N ARG B 144 -1.79 -5.07 18.66
CA ARG B 144 -3.10 -4.97 18.03
C ARG B 144 -3.14 -5.68 16.70
N LYS B 145 -4.35 -6.13 16.34
CA LYS B 145 -4.61 -6.61 14.99
C LYS B 145 -5.36 -5.57 14.16
N ILE B 146 -4.83 -5.23 12.99
CA ILE B 146 -5.57 -4.37 12.07
C ILE B 146 -6.24 -5.27 11.02
N PRO B 147 -7.56 -5.29 10.99
CA PRO B 147 -8.26 -6.14 10.01
C PRO B 147 -7.89 -5.87 8.56
N ALA B 148 -7.97 -6.88 7.71
CA ALA B 148 -7.99 -6.68 6.26
C ALA B 148 -9.43 -6.33 5.88
N LEU B 149 -9.64 -5.35 5.00
CA LEU B 149 -10.99 -5.09 4.49
C LEU B 149 -11.12 -5.48 3.01
N THR B 150 -10.08 -6.16 2.50
CA THR B 150 -10.14 -6.86 1.21
C THR B 150 -9.98 -8.36 1.47
N GLU B 151 -10.54 -9.16 0.58
CA GLU B 151 -10.69 -10.57 0.85
C GLU B 151 -9.36 -11.31 0.87
N ASN B 152 -8.41 -10.85 0.08
CA ASN B 152 -7.15 -11.58 -0.05
C ASN B 152 -5.90 -10.89 0.50
N ASP B 153 -5.96 -9.59 0.72
CA ASP B 153 -4.83 -8.86 1.29
C ASP B 153 -4.68 -9.18 2.80
N PRO B 154 -3.42 -9.30 3.29
CA PRO B 154 -3.21 -9.87 4.64
C PRO B 154 -3.60 -8.95 5.79
N GLU B 155 -4.00 -9.53 6.92
CA GLU B 155 -4.25 -8.76 8.13
C GLU B 155 -2.91 -8.31 8.71
N THR B 156 -2.93 -7.23 9.47
CA THR B 156 -1.69 -6.69 9.98
C THR B 156 -1.70 -6.77 11.47
N TRP B 157 -0.61 -7.32 12.02
CA TRP B 157 -0.35 -7.24 13.43
C TRP B 157 0.72 -6.17 13.69
N ILE B 158 0.54 -5.44 14.76
CA ILE B 158 1.45 -4.36 15.12
C ILE B 158 1.67 -4.34 16.63
N VAL B 159 2.93 -4.18 17.00
CA VAL B 159 3.28 -3.86 18.37
C VAL B 159 3.87 -2.46 18.35
N CYS B 160 3.31 -1.59 19.16
CA CYS B 160 3.77 -0.20 19.29
C CYS B 160 4.35 -0.05 20.67
N ASN B 161 5.58 0.46 20.76
CA ASN B 161 6.28 0.76 22.01
C ASN B 161 6.58 2.28 22.02
N PHE B 162 6.02 3.02 22.98
CA PHE B 162 6.12 4.49 22.97
C PHE B 162 6.22 5.04 24.37
N SER B 163 7.11 6.02 24.53
CA SER B 163 7.37 6.53 25.86
C SER B 163 6.16 7.15 26.52
N VAL B 164 5.96 6.82 27.79
CA VAL B 164 4.97 7.49 28.61
C VAL B 164 5.62 7.88 29.93
N ASP B 165 4.92 8.71 30.71
CA ASP B 165 5.35 9.01 32.06
C ASP B 165 4.64 8.10 33.04
N HIS B 166 5.25 7.88 34.19
CA HIS B 166 4.62 7.14 35.27
C HIS B 166 5.26 7.55 36.58
N ASP B 167 4.42 7.86 37.56
CA ASP B 167 4.85 8.28 38.91
C ASP B 167 5.73 7.24 39.60
N SER B 168 5.55 5.98 39.23
CA SER B 168 6.36 4.90 39.82
C SER B 168 7.79 4.84 39.26
N ALA B 169 8.00 5.51 38.12
CA ALA B 169 9.29 5.49 37.44
C ALA B 169 9.68 6.90 37.09
N PRO B 170 9.96 7.73 38.12
CA PRO B 170 10.38 9.11 37.84
C PRO B 170 11.79 9.15 37.21
N LEU B 171 12.22 10.32 36.73
CA LEU B 171 13.62 10.46 36.32
C LEU B 171 14.52 10.19 37.53
N ASN B 172 15.69 9.62 37.30
CA ASN B 172 16.58 9.35 38.42
C ASN B 172 18.02 9.73 38.07
N ASN B 173 18.93 9.60 39.03
CA ASN B 173 20.30 10.13 38.90
C ASN B 173 21.33 9.11 38.38
N ARG B 174 20.86 7.90 38.10
CA ARG B 174 21.73 6.87 37.57
C ARG B 174 21.72 6.83 36.05
N CYS B 175 20.52 6.99 35.48
CA CYS B 175 20.31 6.77 34.05
C CYS B 175 19.89 8.04 33.35
N VAL B 176 20.19 8.12 32.07
CA VAL B 176 19.60 9.15 31.25
C VAL B 176 18.30 8.56 30.65
N ARG B 177 17.21 9.31 30.74
CA ARG B 177 15.93 8.82 30.22
C ARG B 177 15.84 9.01 28.71
N ALA B 178 15.89 7.93 27.94
CA ALA B 178 15.67 8.03 26.50
C ALA B 178 14.16 8.07 26.23
N LYS B 179 13.77 8.54 25.03
CA LYS B 179 12.36 8.56 24.63
C LYS B 179 12.26 7.77 23.33
N ILE B 180 11.21 6.94 23.18
CA ILE B 180 11.12 6.09 22.00
C ILE B 180 9.72 6.14 21.40
N ASN B 181 9.66 5.89 20.09
CA ASN B 181 8.40 5.63 19.37
C ASN B 181 8.80 4.58 18.38
N VAL B 182 8.45 3.35 18.71
CA VAL B 182 8.87 2.17 17.94
C VAL B 182 7.63 1.33 17.55
N ALA B 183 7.70 0.68 16.39
CA ALA B 183 6.63 -0.20 16.00
C ALA B 183 7.24 -1.38 15.26
N MET B 184 6.74 -2.55 15.56
CA MET B 184 6.91 -3.68 14.62
C MET B 184 5.54 -4.09 14.01
N ILE B 185 5.51 -4.14 12.70
CA ILE B 185 4.30 -4.30 11.90
C ILE B 185 4.52 -5.48 10.99
N CYS B 186 3.65 -6.47 11.13
CA CYS B 186 3.88 -7.77 10.48
C CYS B 186 2.65 -8.22 9.70
N GLN B 187 2.87 -8.76 8.50
CA GLN B 187 1.79 -9.35 7.70
C GLN B 187 2.22 -10.73 7.22
N THR B 188 1.30 -11.69 7.26
CA THR B 188 1.56 -13.06 6.83
C THR B 188 1.14 -13.19 5.36
N LEU B 189 2.04 -13.66 4.50
CA LEU B 189 1.60 -14.06 3.16
C LEU B 189 1.47 -15.57 3.15
N VAL B 190 0.32 -16.08 2.70
CA VAL B 190 0.07 -17.53 2.69
C VAL B 190 -0.05 -18.03 1.26
N SER B 191 0.57 -19.16 0.98
CA SER B 191 0.40 -19.76 -0.34
C SER B 191 -0.13 -21.18 -0.17
N PRO B 192 -1.42 -21.41 -0.54
CA PRO B 192 -1.92 -22.79 -0.58
C PRO B 192 -0.85 -23.72 -1.18
N PRO B 193 -0.80 -24.98 -0.72
CA PRO B 193 0.34 -25.80 -1.10
C PRO B 193 -0.02 -26.84 -2.16
N GLU B 194 0.80 -27.88 -2.25
CA GLU B 194 0.51 -29.02 -3.13
C GLU B 194 -0.85 -29.67 -2.81
N GLY B 195 -1.69 -29.77 -3.83
CA GLY B 195 -2.90 -30.59 -3.76
C GLY B 195 -3.88 -30.29 -2.66
N ASN B 196 -4.32 -31.34 -1.96
CA ASN B 196 -5.28 -31.21 -0.86
C ASN B 196 -4.59 -31.26 0.49
N GLN B 197 -3.31 -30.90 0.51
CA GLN B 197 -2.56 -30.89 1.74
C GLN B 197 -2.94 -29.64 2.49
N GLU B 198 -2.77 -29.66 3.80
CA GLU B 198 -3.09 -28.48 4.56
C GLU B 198 -1.88 -27.60 4.72
N ILE B 199 -2.11 -26.33 5.01
CA ILE B 199 -1.04 -25.35 5.11
C ILE B 199 0.01 -25.80 6.10
N SER B 200 1.26 -25.71 5.71
CA SER B 200 2.32 -25.95 6.66
C SER B 200 3.20 -24.71 6.68
N ARG B 201 4.25 -24.74 7.50
CA ARG B 201 5.10 -23.58 7.68
C ARG B 201 5.89 -23.33 6.39
N ASP B 202 5.89 -24.28 5.46
CA ASP B 202 6.59 -24.04 4.20
C ASP B 202 5.75 -23.18 3.29
N ASN B 203 4.50 -22.97 3.64
CA ASN B 203 3.62 -22.15 2.83
C ASN B 203 3.40 -20.73 3.36
N ILE B 204 4.13 -20.32 4.39
CA ILE B 204 3.92 -18.99 4.94
C ILE B 204 5.22 -18.19 5.03
N LEU B 205 5.07 -16.88 4.89
CA LEU B 205 6.19 -15.97 4.97
C LEU B 205 5.68 -14.75 5.73
N CYS B 206 6.45 -14.26 6.69
CA CYS B 206 6.04 -13.03 7.37
C CYS B 206 6.86 -11.83 6.87
N LYS B 207 6.15 -10.79 6.39
CA LYS B 207 6.77 -9.54 5.97
C LYS B 207 6.82 -8.58 7.15
N ILE B 208 8.03 -8.15 7.53
CA ILE B 208 8.18 -7.30 8.71
C ILE B 208 8.67 -5.90 8.34
N THR B 209 8.04 -4.90 8.94
CA THR B 209 8.55 -3.52 8.93
C THR B 209 8.78 -3.11 10.38
N TYR B 210 10.01 -2.70 10.70
CA TYR B 210 10.30 -2.30 12.06
C TYR B 210 10.74 -0.86 11.97
N VAL B 211 10.16 0.01 12.78
CA VAL B 211 10.50 1.44 12.66
C VAL B 211 10.86 1.94 14.06
N ALA B 212 11.94 2.70 14.16
CA ALA B 212 12.41 3.17 15.47
C ALA B 212 12.76 4.65 15.40
N ASN B 213 12.16 5.46 16.26
CA ASN B 213 12.50 6.89 16.31
C ASN B 213 12.87 7.08 17.74
N VAL B 214 14.15 7.27 18.02
CA VAL B 214 14.64 7.23 19.42
C VAL B 214 15.42 8.50 19.73
N ASN B 215 15.15 9.10 20.90
CA ASN B 215 15.98 10.18 21.39
C ASN B 215 16.72 9.66 22.60
N PRO B 216 18.03 9.41 22.47
CA PRO B 216 18.69 8.77 23.59
C PRO B 216 18.94 9.77 24.74
N GLY B 217 18.66 11.04 24.50
CA GLY B 217 18.81 12.04 25.56
C GLY B 217 20.27 12.32 25.91
N GLY B 218 20.48 13.22 26.85
CA GLY B 218 21.85 13.53 27.25
C GLY B 218 22.50 14.11 26.03
N TRP B 219 23.81 13.87 25.89
CA TRP B 219 24.59 14.31 24.75
C TRP B 219 25.53 13.15 24.49
N ALA B 220 25.79 12.85 23.22
CA ALA B 220 26.83 11.90 22.87
C ALA B 220 27.26 12.25 21.50
N PRO B 221 28.46 11.86 21.10
CA PRO B 221 28.88 12.18 19.75
C PRO B 221 27.99 11.53 18.69
N ALA B 222 27.68 12.29 17.64
CA ALA B 222 26.77 11.92 16.57
C ALA B 222 27.27 10.70 15.85
N SER B 223 28.56 10.69 15.48
CA SER B 223 29.16 9.57 14.75
C SER B 223 29.10 8.28 15.58
N VAL B 224 29.16 8.41 16.89
CA VAL B 224 29.13 7.27 17.81
C VAL B 224 27.70 6.70 17.89
N LEU B 225 26.73 7.60 18.02
CA LEU B 225 25.32 7.19 18.07
C LEU B 225 24.94 6.48 16.78
N ARG B 226 25.41 7.02 15.65
CA ARG B 226 25.11 6.45 14.34
C ARG B 226 25.75 5.09 14.12
N ALA B 227 26.95 4.88 14.65
CA ALA B 227 27.58 3.58 14.58
C ALA B 227 26.88 2.58 15.51
N VAL B 228 26.43 2.99 16.69
CA VAL B 228 25.74 2.02 17.56
C VAL B 228 24.39 1.58 16.97
N ALA B 229 23.68 2.49 16.32
CA ALA B 229 22.44 2.10 15.61
C ALA B 229 22.75 1.08 14.51
N LYS B 230 23.82 1.33 13.75
CA LYS B 230 24.11 0.47 12.58
C LYS B 230 24.49 -0.92 13.03
N ARG B 231 25.07 -0.97 14.23
CA ARG B 231 25.46 -2.22 14.88
C ARG B 231 24.33 -2.99 15.61
N GLU B 232 23.58 -2.31 16.45
CA GLU B 232 22.64 -2.97 17.38
C GLU B 232 21.28 -3.33 16.76
N TYR B 233 20.81 -2.53 15.81
CA TYR B 233 19.49 -2.83 15.22
C TYR B 233 19.52 -4.05 14.32
N PRO B 234 20.52 -4.15 13.45
CA PRO B 234 20.51 -5.37 12.60
C PRO B 234 20.73 -6.61 13.45
N LYS B 235 21.58 -6.51 14.46
CA LYS B 235 21.90 -7.65 15.31
C LYS B 235 20.66 -8.11 16.10
N PHE B 236 19.92 -7.14 16.59
CA PHE B 236 18.65 -7.38 17.25
C PHE B 236 17.64 -8.08 16.29
N LEU B 237 17.52 -7.59 15.07
CA LEU B 237 16.48 -8.10 14.15
C LEU B 237 16.75 -9.51 13.72
N LYS B 238 18.04 -9.80 13.52
CA LYS B 238 18.48 -11.12 13.15
C LYS B 238 18.29 -12.14 14.30
N ARG B 239 18.68 -11.73 15.50
CA ARG B 239 18.59 -12.63 16.64
C ARG B 239 17.12 -12.90 17.01
N PHE B 240 16.35 -11.82 17.11
CA PHE B 240 14.90 -11.91 17.37
C PHE B 240 14.17 -12.78 16.33
N THR B 241 14.31 -12.48 15.04
CA THR B 241 13.62 -13.29 14.03
C THR B 241 14.05 -14.76 14.00
N SER B 242 15.33 -15.05 14.26
CA SER B 242 15.81 -16.44 14.20
C SER B 242 15.25 -17.13 15.42
N TYR B 243 15.03 -16.37 16.47
CA TYR B 243 14.48 -16.92 17.70
C TYR B 243 13.01 -17.35 17.54
N VAL B 244 12.19 -16.50 16.90
CA VAL B 244 10.80 -16.87 16.58
C VAL B 244 10.74 -18.13 15.72
N GLN B 245 11.56 -18.17 14.68
CA GLN B 245 11.68 -19.36 13.83
C GLN B 245 12.02 -20.61 14.66
N GLU B 246 12.94 -20.49 15.61
CA GLU B 246 13.40 -21.63 16.41
C GLU B 246 12.31 -22.12 17.36
N LYS B 247 11.60 -21.18 17.97
CA LYS B 247 10.54 -21.48 18.91
C LYS B 247 9.24 -21.95 18.26
N THR B 248 9.01 -21.63 16.98
CA THR B 248 7.75 -22.00 16.34
C THR B 248 7.90 -23.30 15.53
N ALA B 249 9.15 -23.68 15.25
CA ALA B 249 9.42 -24.82 14.38
C ALA B 249 8.69 -26.07 14.88
N GLY B 250 7.98 -26.74 13.98
CA GLY B 250 7.36 -28.02 14.32
C GLY B 250 6.02 -27.84 15.01
N LYS B 251 5.67 -26.60 15.34
CA LYS B 251 4.48 -26.36 16.12
C LYS B 251 3.29 -25.95 15.28
N PRO B 252 2.08 -26.19 15.78
CA PRO B 252 0.87 -25.75 15.08
C PRO B 252 0.90 -24.22 14.84
N ILE B 253 0.43 -23.79 13.68
CA ILE B 253 0.53 -22.39 13.28
C ILE B 253 -0.52 -21.52 13.92
N LEU B 254 -0.08 -20.46 14.60
CA LEU B 254 -0.98 -19.43 15.12
C LEU B 254 -1.15 -18.31 14.09
N PHE B 255 -2.31 -18.25 13.43
CA PHE B 255 -2.49 -17.28 12.37
C PHE B 255 -2.95 -15.94 12.90
#